data_3T2I
#
_entry.id   3T2I
#
_cell.length_a   96.346
_cell.length_b   96.346
_cell.length_c   105.875
_cell.angle_alpha   90.00
_cell.angle_beta   90.00
_cell.angle_gamma   90.00
#
_symmetry.space_group_name_H-M   'P 41 21 2'
#
loop_
_entity.id
_entity.type
_entity.pdbx_description
1 polymer Thermolysin
2 non-polymer 'CALCIUM ION'
3 non-polymer 'ZINC ION'
4 non-polymer 'CHLORIDE ION'
5 non-polymer 'SODIUM ION'
6 non-polymer SARCOSINE
7 non-polymer 'DIMETHYL SULFOXIDE'
8 water water
#
_entity_poly.entity_id   1
_entity_poly.type   'polypeptide(L)'
_entity_poly.pdbx_seq_one_letter_code
;ITGTSTVGVGRGVLGDQKNINTTYSTYYYLQDNTRGDGIFTYDAKYRTTLPGSLWADADNQFFASYDAPAVDAHYYAGVT
YDYYKNVHNRLSYDGNNAAIRSSVHYSQGYNNAFWNGSEMVYGDGDGQTFIPLSGGIDVVAHELTHAVTDYTAGLIYQNE
SGAINEAISDIFGTLVEFYANKNPDWEIGEDVYTPGISGDSLRSMSDPAKYGDPDHYSKRYTGTQDNGGVHINSGIINKA
AYLISQGGTHYGVSVVGIGRDKLGKIFYRALTQYLTPTSNFSQLRAAAVQSATDLYGSTSQEVASVKQAFDAVGVK
;
_entity_poly.pdbx_strand_id   E
#
loop_
_chem_comp.id
_chem_comp.type
_chem_comp.name
_chem_comp.formula
CA non-polymer 'CALCIUM ION' 'Ca 2'
CL non-polymer 'CHLORIDE ION' 'Cl -1'
DMS non-polymer 'DIMETHYL SULFOXIDE' 'C2 H6 O S'
NA non-polymer 'SODIUM ION' 'Na 1'
ZN non-polymer 'ZINC ION' 'Zn 2'
#
# COMPACT_ATOMS: atom_id res chain seq x y z
N ILE A 1 6.05 20.37 -15.96
CA ILE A 1 6.48 21.65 -16.60
C ILE A 1 7.94 21.56 -16.93
N THR A 2 8.48 22.49 -17.71
CA THR A 2 9.90 22.40 -18.12
C THR A 2 10.82 23.12 -17.11
N GLY A 3 12.01 22.62 -16.88
CA GLY A 3 12.93 23.20 -15.95
C GLY A 3 14.10 22.28 -15.68
N THR A 4 14.97 22.66 -14.77
CA THR A 4 16.11 21.88 -14.32
C THR A 4 15.74 20.90 -13.15
N SER A 5 16.23 19.66 -13.22
CA SER A 5 16.08 18.70 -12.12
C SER A 5 16.96 19.11 -10.93
N THR A 6 16.39 19.21 -9.74
CA THR A 6 17.13 19.63 -8.57
C THR A 6 16.83 18.68 -7.41
N VAL A 7 17.57 18.80 -6.31
CA VAL A 7 17.28 17.97 -5.15
C VAL A 7 17.01 18.89 -3.96
N GLY A 8 15.75 18.96 -3.49
CA GLY A 8 15.49 19.72 -2.25
C GLY A 8 15.64 18.87 -1.00
N VAL A 9 15.39 19.48 0.16
CA VAL A 9 15.42 18.79 1.41
C VAL A 9 14.23 19.26 2.24
N GLY A 10 13.67 18.36 3.03
CA GLY A 10 12.52 18.72 3.88
C GLY A 10 12.28 17.72 4.99
N ARG A 11 11.18 17.93 5.71
CA ARG A 11 10.77 17.08 6.79
C ARG A 11 9.38 16.63 6.52
N GLY A 12 9.14 15.34 6.69
CA GLY A 12 7.82 14.73 6.44
C GLY A 12 6.93 14.89 7.67
N VAL A 13 5.78 14.24 7.62
CA VAL A 13 4.71 14.37 8.60
C VAL A 13 5.17 13.88 9.98
N LEU A 14 6.09 12.93 10.02
CA LEU A 14 6.54 12.47 11.30
C LEU A 14 7.77 13.22 11.80
N GLY A 15 8.17 14.32 11.14
CA GLY A 15 9.35 15.08 11.61
C GLY A 15 10.71 14.62 11.12
N ASP A 16 10.78 13.55 10.31
CA ASP A 16 12.07 13.09 9.77
C ASP A 16 12.53 13.84 8.52
N GLN A 17 13.82 13.95 8.34
CA GLN A 17 14.35 14.66 7.19
C GLN A 17 14.55 13.72 6.02
N LYS A 18 14.27 14.19 4.80
CA LYS A 18 14.56 13.41 3.61
C LYS A 18 14.79 14.41 2.44
N ASN A 19 15.53 13.95 1.43
CA ASN A 19 15.74 14.63 0.18
C ASN A 19 14.66 14.28 -0.86
N ILE A 20 14.30 15.27 -1.68
CA ILE A 20 13.20 15.08 -2.65
C ILE A 20 13.61 15.63 -3.99
N ASN A 21 13.12 14.99 -5.04
CA ASN A 21 13.42 15.43 -6.40
C ASN A 21 12.44 16.49 -6.81
N THR A 22 13.00 17.62 -7.22
CA THR A 22 12.22 18.77 -7.58
C THR A 22 12.66 19.25 -8.97
N THR A 23 11.91 20.19 -9.53
CA THR A 23 12.22 20.83 -10.83
C THR A 23 12.20 22.35 -10.62
N TYR A 24 13.29 23.01 -11.02
CA TYR A 24 13.52 24.42 -10.86
C TYR A 24 13.14 25.21 -12.09
N SER A 25 12.11 26.03 -11.97
CA SER A 25 11.77 27.04 -12.99
C SER A 25 11.17 28.26 -12.29
N THR A 26 12.05 29.21 -11.90
CA THR A 26 11.75 30.40 -11.02
C THR A 26 11.49 29.96 -9.59
N TYR A 27 10.49 29.10 -9.45
CA TYR A 27 10.23 28.30 -8.23
C TYR A 27 10.70 26.84 -8.35
N TYR A 28 10.79 26.17 -7.19
CA TYR A 28 11.04 24.74 -7.11
C TYR A 28 9.74 23.99 -6.97
N TYR A 29 9.45 23.12 -7.93
CA TYR A 29 8.19 22.40 -7.97
C TYR A 29 8.36 20.92 -7.51
N LEU A 30 7.34 20.34 -6.89
CA LEU A 30 7.40 18.91 -6.52
C LEU A 30 7.09 18.13 -7.77
N GLN A 31 8.12 18.05 -8.59
CA GLN A 31 8.08 17.36 -9.89
C GLN A 31 9.38 16.62 -9.98
N ASP A 32 9.25 15.29 -9.84
CA ASP A 32 10.39 14.37 -9.83
C ASP A 32 10.57 13.80 -11.28
N ASN A 33 11.66 14.19 -11.95
CA ASN A 33 11.85 13.70 -13.31
C ASN A 33 12.62 12.40 -13.38
N THR A 34 13.07 11.84 -12.27
CA THR A 34 13.97 10.71 -12.35
C THR A 34 13.20 9.37 -12.49
N ARG A 35 11.86 9.38 -12.41
CA ARG A 35 11.10 8.12 -12.35
C ARG A 35 10.00 8.10 -13.41
N GLY A 36 10.18 7.26 -14.42
CA GLY A 36 9.21 7.14 -15.49
C GLY A 36 8.87 8.46 -16.12
N ASP A 37 7.59 8.73 -16.34
CA ASP A 37 7.17 9.99 -16.89
C ASP A 37 6.94 11.02 -15.80
N GLY A 38 7.41 10.75 -14.58
CA GLY A 38 7.47 11.78 -13.56
C GLY A 38 6.54 11.51 -12.40
N ILE A 39 6.92 12.08 -11.26
CA ILE A 39 6.08 12.06 -10.07
C ILE A 39 5.84 13.54 -9.73
N PHE A 40 4.58 13.87 -9.56
CA PHE A 40 4.14 15.26 -9.53
C PHE A 40 3.25 15.36 -8.31
N THR A 41 3.47 16.33 -7.45
CA THR A 41 2.70 16.48 -6.21
C THR A 41 2.11 17.91 -6.16
N TYR A 42 0.82 17.96 -5.83
CA TYR A 42 -0.02 19.14 -5.92
C TYR A 42 -0.61 19.56 -4.54
N ASP A 43 -0.87 20.85 -4.44
CA ASP A 43 -1.57 21.41 -3.30
C ASP A 43 -3.02 21.60 -3.72
N ALA A 44 -3.92 20.93 -3.04
CA ALA A 44 -5.31 21.18 -3.22
C ALA A 44 -5.82 22.35 -2.37
N LYS A 45 -5.01 22.85 -1.43
CA LYS A 45 -5.32 24.12 -0.70
C LYS A 45 -6.62 24.05 0.09
N TYR A 46 -6.90 22.87 0.67
CA TYR A 46 -8.11 22.59 1.45
C TYR A 46 -9.42 22.60 0.61
N ARG A 47 -9.34 22.60 -0.73
CA ARG A 47 -10.56 22.56 -1.55
C ARG A 47 -10.68 21.11 -1.95
N THR A 48 -11.72 20.80 -2.73
CA THR A 48 -11.93 19.43 -3.19
C THR A 48 -11.82 19.31 -4.69
N THR A 49 -11.50 20.41 -5.40
CA THR A 49 -11.33 20.29 -6.83
C THR A 49 -9.91 19.73 -7.03
N LEU A 50 -9.71 18.91 -8.05
CA LEU A 50 -8.44 18.22 -8.27
C LEU A 50 -7.93 18.46 -9.68
N PRO A 51 -6.59 18.50 -9.87
CA PRO A 51 -5.55 18.19 -8.82
C PRO A 51 -5.12 19.32 -7.93
N GLY A 52 -5.53 20.55 -8.25
CA GLY A 52 -4.97 21.78 -7.59
C GLY A 52 -3.72 22.30 -8.29
N SER A 53 -2.79 22.91 -7.54
CA SER A 53 -1.65 23.59 -8.14
C SER A 53 -0.40 22.78 -7.99
N LEU A 54 0.43 22.68 -9.04
CA LEU A 54 1.67 21.94 -8.86
C LEU A 54 2.44 22.60 -7.73
N TRP A 55 2.94 21.78 -6.80
CA TRP A 55 3.45 22.39 -5.57
C TRP A 55 4.72 23.21 -5.83
N ALA A 56 4.65 24.51 -5.49
CA ALA A 56 5.75 25.47 -5.72
C ALA A 56 6.35 25.96 -4.41
N ASP A 57 7.66 25.94 -4.32
CA ASP A 57 8.35 26.41 -3.13
C ASP A 57 9.47 27.39 -3.57
N ALA A 58 9.64 28.47 -2.82
CA ALA A 58 10.60 29.52 -3.22
C ALA A 58 12.07 29.08 -3.09
N ASP A 59 12.41 28.26 -2.09
CA ASP A 59 13.82 28.02 -1.82
C ASP A 59 14.28 26.55 -1.82
N ASN A 60 13.43 25.59 -2.24
CA ASN A 60 13.84 24.13 -2.27
C ASN A 60 14.10 23.52 -0.88
N GLN A 61 13.57 24.16 0.16
CA GLN A 61 13.57 23.60 1.51
C GLN A 61 12.17 23.50 2.02
N PHE A 62 11.86 22.36 2.60
CA PHE A 62 10.47 22.02 2.84
C PHE A 62 10.31 21.63 4.31
N PHE A 63 10.56 22.59 5.19
CA PHE A 63 10.56 22.30 6.60
C PHE A 63 9.38 22.96 7.29
N ALA A 64 8.50 23.67 6.54
CA ALA A 64 7.31 24.27 7.17
C ALA A 64 6.32 23.12 7.46
N SER A 65 5.53 23.27 8.50
CA SER A 65 4.67 22.16 8.81
C SER A 65 3.55 21.93 7.73
N TYR A 66 3.10 23.02 7.07
CA TYR A 66 2.25 22.98 5.88
C TYR A 66 2.88 22.15 4.73
N ASP A 67 4.21 22.15 4.60
CA ASP A 67 4.90 21.35 3.58
C ASP A 67 4.93 19.83 3.87
N ALA A 68 4.86 19.41 5.12
CA ALA A 68 5.17 18.00 5.45
C ALA A 68 4.33 17.00 4.65
N PRO A 69 3.01 17.19 4.54
CA PRO A 69 2.25 16.17 3.80
C PRO A 69 2.65 16.03 2.33
N ALA A 70 3.08 17.15 1.70
CA ALA A 70 3.58 17.15 0.35
C ALA A 70 4.92 16.42 0.27
N VAL A 71 5.82 16.71 1.21
CA VAL A 71 7.10 16.02 1.25
C VAL A 71 6.86 14.49 1.22
N ASP A 72 5.97 14.00 2.08
CA ASP A 72 5.74 12.58 2.18
C ASP A 72 4.98 11.96 1.01
N ALA A 73 3.99 12.67 0.46
CA ALA A 73 3.22 12.11 -0.63
C ALA A 73 4.20 11.86 -1.80
N HIS A 74 5.12 12.82 -1.95
CA HIS A 74 6.04 12.91 -3.07
C HIS A 74 7.10 11.88 -2.91
N TYR A 75 7.71 11.87 -1.71
CA TYR A 75 8.81 10.94 -1.41
C TYR A 75 8.35 9.47 -1.38
N TYR A 76 7.24 9.16 -0.73
CA TYR A 76 6.74 7.78 -0.69
C TYR A 76 6.20 7.29 -2.04
N ALA A 77 5.73 8.22 -2.89
CA ALA A 77 5.34 7.80 -4.26
C ALA A 77 6.62 7.32 -4.96
N GLY A 78 7.72 8.04 -4.77
CA GLY A 78 9.01 7.55 -5.27
C GLY A 78 9.50 6.21 -4.70
N VAL A 79 9.36 6.03 -3.38
CA VAL A 79 9.68 4.71 -2.81
C VAL A 79 8.82 3.62 -3.41
N THR A 80 7.52 3.88 -3.55
CA THR A 80 6.62 2.83 -4.06
C THR A 80 7.04 2.48 -5.50
N TYR A 81 7.28 3.52 -6.31
CA TYR A 81 7.79 3.36 -7.66
C TYR A 81 9.05 2.49 -7.71
N ASP A 82 9.99 2.76 -6.80
CA ASP A 82 11.27 2.09 -6.81
C ASP A 82 11.06 0.64 -6.43
N TYR A 83 10.17 0.41 -5.44
CA TYR A 83 9.83 -0.97 -5.07
C TYR A 83 9.33 -1.76 -6.26
N TYR A 84 8.26 -1.29 -6.90
CA TYR A 84 7.71 -2.08 -8.01
C TYR A 84 8.73 -2.24 -9.19
N LYS A 85 9.47 -1.21 -9.48
CA LYS A 85 10.47 -1.32 -10.53
C LYS A 85 11.60 -2.24 -10.12
N ASN A 86 12.24 -2.01 -8.97
CA ASN A 86 13.43 -2.78 -8.65
C ASN A 86 13.07 -4.19 -8.24
N VAL A 87 11.91 -4.37 -7.59
CA VAL A 87 11.60 -5.72 -7.09
C VAL A 87 10.87 -6.59 -8.12
N HIS A 88 9.92 -6.02 -8.86
CA HIS A 88 9.03 -6.81 -9.77
C HIS A 88 9.15 -6.46 -11.25
N ASN A 89 10.10 -5.57 -11.58
CA ASN A 89 10.24 -5.00 -12.91
C ASN A 89 8.98 -4.42 -13.48
N ARG A 90 8.15 -3.80 -12.64
CA ARG A 90 6.95 -3.10 -13.11
C ARG A 90 7.23 -1.59 -13.08
N LEU A 91 6.99 -0.94 -14.20
CA LEU A 91 7.25 0.48 -14.36
C LEU A 91 6.00 1.31 -14.07
N SER A 92 5.98 1.91 -12.89
CA SER A 92 4.80 2.65 -12.37
C SER A 92 3.57 1.74 -12.23
N TYR A 93 2.41 2.31 -11.88
CA TYR A 93 1.26 1.52 -11.58
C TYR A 93 0.71 0.77 -12.80
N ASP A 94 0.78 1.38 -13.98
CA ASP A 94 0.23 0.71 -15.16
C ASP A 94 1.30 -0.09 -15.91
N GLY A 95 2.50 -0.24 -15.38
CA GLY A 95 3.56 -1.00 -16.09
C GLY A 95 4.19 -0.29 -17.32
N ASN A 96 3.63 0.87 -17.64
CA ASN A 96 4.09 1.74 -18.72
C ASN A 96 4.59 3.13 -18.28
N ASN A 97 5.08 3.26 -17.06
CA ASN A 97 5.71 4.50 -16.66
C ASN A 97 4.75 5.68 -16.59
N ALA A 98 3.48 5.39 -16.32
CA ALA A 98 2.50 6.46 -16.11
C ALA A 98 2.95 7.43 -15.00
N ALA A 99 2.72 8.72 -15.24
CA ALA A 99 3.01 9.77 -14.26
C ALA A 99 2.26 9.45 -12.96
N ILE A 100 2.91 9.60 -11.83
CA ILE A 100 2.18 9.46 -10.56
C ILE A 100 1.85 10.85 -10.00
N ARG A 101 0.56 11.19 -10.01
CA ARG A 101 0.11 12.49 -9.50
C ARG A 101 -0.56 12.29 -8.15
N SER A 102 -0.22 13.16 -7.17
CA SER A 102 -0.80 13.12 -5.83
C SER A 102 -1.21 14.54 -5.48
N SER A 103 -2.35 14.67 -4.77
CA SER A 103 -2.74 15.93 -4.17
C SER A 103 -2.82 15.81 -2.67
N VAL A 104 -2.28 16.82 -1.98
CA VAL A 104 -2.36 16.94 -0.50
C VAL A 104 -3.20 18.15 -0.03
N HIS A 105 -3.44 18.23 1.28
CA HIS A 105 -4.36 19.24 1.80
C HIS A 105 -5.73 19.19 1.08
N TYR A 106 -6.25 17.98 0.81
CA TYR A 106 -7.55 17.82 0.18
C TYR A 106 -8.64 17.99 1.23
N SER A 107 -9.58 18.87 0.92
CA SER A 107 -10.71 19.16 1.80
C SER A 107 -10.24 19.64 3.19
N GLN A 108 -11.12 19.60 4.21
CA GLN A 108 -10.70 19.98 5.57
C GLN A 108 -11.06 18.89 6.55
N GLY A 109 -10.15 18.58 7.48
CA GLY A 109 -10.34 17.45 8.40
C GLY A 109 -10.79 16.16 7.72
N TYR A 110 -10.27 15.87 6.53
CA TYR A 110 -10.72 14.69 5.85
C TYR A 110 -9.89 13.47 6.25
N ASN A 111 -10.56 12.46 6.80
CA ASN A 111 -9.93 11.31 7.45
C ASN A 111 -9.70 10.16 6.49
N ASN A 112 -9.03 10.41 5.35
CA ASN A 112 -8.88 9.35 4.38
C ASN A 112 -7.90 9.72 3.28
N ALA A 113 -7.48 8.72 2.51
CA ALA A 113 -6.63 8.90 1.32
C ALA A 113 -7.18 7.92 0.30
N PHE A 114 -7.11 8.22 -0.99
CA PHE A 114 -7.56 7.24 -1.96
C PHE A 114 -6.91 7.43 -3.31
N TRP A 115 -6.80 6.32 -4.03
CA TRP A 115 -6.52 6.35 -5.43
C TRP A 115 -7.85 6.56 -6.16
N ASN A 116 -7.94 7.52 -7.07
CA ASN A 116 -9.24 7.83 -7.66
C ASN A 116 -9.43 7.34 -9.09
N GLY A 117 -8.50 6.49 -9.59
CA GLY A 117 -8.50 6.07 -11.02
C GLY A 117 -7.43 6.88 -11.77
N SER A 118 -7.13 8.11 -11.35
CA SER A 118 -6.10 8.94 -12.02
C SER A 118 -4.95 9.44 -11.15
N GLU A 119 -5.19 9.53 -9.85
CA GLU A 119 -4.24 10.18 -8.97
C GLU A 119 -4.48 9.79 -7.51
N MET A 120 -3.46 9.97 -6.66
CA MET A 120 -3.63 9.82 -5.25
C MET A 120 -4.21 11.12 -4.69
N VAL A 121 -5.03 10.97 -3.66
CA VAL A 121 -5.68 12.07 -2.95
C VAL A 121 -5.47 11.83 -1.44
N TYR A 122 -4.90 12.80 -0.72
CA TYR A 122 -4.67 12.70 0.76
C TYR A 122 -5.39 13.77 1.57
N GLY A 123 -6.26 13.36 2.49
CA GLY A 123 -6.75 14.28 3.49
C GLY A 123 -5.66 14.54 4.51
N ASP A 124 -5.81 15.65 5.25
CA ASP A 124 -4.96 15.92 6.44
C ASP A 124 -5.38 15.20 7.74
N GLY A 125 -6.48 14.49 7.73
CA GLY A 125 -7.02 13.97 8.99
C GLY A 125 -7.62 15.11 9.83
N ASP A 126 -8.36 14.76 10.88
CA ASP A 126 -8.93 15.79 11.74
C ASP A 126 -8.03 16.06 12.91
N GLY A 127 -6.84 15.47 12.92
CA GLY A 127 -5.90 15.65 14.03
C GLY A 127 -6.25 14.79 15.25
N GLN A 128 -7.37 14.06 15.20
CA GLN A 128 -7.67 13.11 16.32
C GLN A 128 -7.62 11.65 15.88
N THR A 129 -8.40 11.33 14.86
CA THR A 129 -8.41 10.02 14.20
C THR A 129 -7.18 9.80 13.33
N PHE A 130 -6.77 10.84 12.58
CA PHE A 130 -5.59 10.79 11.74
C PHE A 130 -4.82 12.11 11.75
N ILE A 131 -3.51 12.03 11.60
CA ILE A 131 -2.71 13.12 11.03
C ILE A 131 -2.61 12.93 9.50
N PRO A 132 -1.98 13.88 8.77
CA PRO A 132 -2.10 13.80 7.29
C PRO A 132 -1.68 12.40 6.78
N LEU A 133 -2.50 11.78 5.92
CA LEU A 133 -2.40 10.35 5.62
C LEU A 133 -1.20 10.00 4.77
N SER A 134 -0.61 10.98 4.09
CA SER A 134 0.58 10.69 3.33
C SER A 134 1.75 10.37 4.26
N GLY A 135 1.63 10.68 5.56
CA GLY A 135 2.71 10.36 6.49
C GLY A 135 2.93 8.84 6.64
N GLY A 136 1.95 8.01 6.20
CA GLY A 136 2.06 6.57 6.33
C GLY A 136 2.52 5.97 5.01
N ILE A 137 3.78 5.56 4.94
CA ILE A 137 4.23 4.87 3.67
C ILE A 137 3.35 3.67 3.27
N ASP A 138 2.92 2.86 4.24
CA ASP A 138 1.99 1.77 3.95
C ASP A 138 0.65 2.22 3.42
N VAL A 139 0.14 3.37 3.86
CA VAL A 139 -1.10 3.95 3.30
C VAL A 139 -0.89 4.34 1.77
N VAL A 140 0.22 5.02 1.48
CA VAL A 140 0.54 5.51 0.15
C VAL A 140 0.61 4.27 -0.76
N ALA A 141 1.36 3.27 -0.32
CA ALA A 141 1.63 2.17 -1.21
C ALA A 141 0.41 1.28 -1.27
N HIS A 142 -0.39 1.24 -0.21
CA HIS A 142 -1.66 0.47 -0.22
C HIS A 142 -2.58 1.04 -1.35
N GLU A 143 -2.68 2.37 -1.40
CA GLU A 143 -3.58 3.02 -2.34
C GLU A 143 -3.00 2.89 -3.76
N LEU A 144 -1.71 3.04 -3.91
CA LEU A 144 -1.14 2.93 -5.25
C LEU A 144 -1.27 1.49 -5.76
N THR A 145 -1.29 0.52 -4.84
CA THR A 145 -1.51 -0.88 -5.20
C THR A 145 -2.95 -1.13 -5.72
N HIS A 146 -3.93 -0.35 -5.26
CA HIS A 146 -5.23 -0.45 -5.91
C HIS A 146 -5.11 -0.18 -7.44
N ALA A 147 -4.30 0.81 -7.84
CA ALA A 147 -4.08 1.14 -9.24
C ALA A 147 -3.44 -0.08 -9.94
N VAL A 148 -2.41 -0.67 -9.32
CA VAL A 148 -1.79 -1.89 -9.86
C VAL A 148 -2.84 -3.00 -10.08
N THR A 149 -3.67 -3.23 -9.08
CA THR A 149 -4.72 -4.23 -9.19
C THR A 149 -5.68 -3.88 -10.34
N ASP A 150 -6.14 -2.64 -10.41
CA ASP A 150 -6.95 -2.22 -11.54
C ASP A 150 -6.34 -2.53 -12.91
N TYR A 151 -5.01 -2.40 -13.06
CA TYR A 151 -4.36 -2.57 -14.38
C TYR A 151 -3.93 -3.99 -14.59
N THR A 152 -4.27 -4.89 -13.68
CA THR A 152 -3.85 -6.27 -13.80
C THR A 152 -5.06 -7.17 -13.66
N ALA A 153 -5.30 -7.74 -12.47
CA ALA A 153 -6.44 -8.62 -12.26
C ALA A 153 -7.82 -7.96 -12.36
N GLY A 154 -7.94 -6.69 -12.01
CA GLY A 154 -9.25 -6.02 -12.02
C GLY A 154 -10.24 -6.57 -10.99
N LEU A 155 -9.72 -7.07 -9.85
CA LEU A 155 -10.57 -7.57 -8.77
C LEU A 155 -11.74 -6.63 -8.48
N ILE A 156 -12.95 -7.17 -8.44
CA ILE A 156 -14.16 -6.37 -8.11
C ILE A 156 -14.12 -5.97 -6.63
N TYR A 157 -14.44 -4.72 -6.29
CA TYR A 157 -14.43 -4.30 -4.92
C TYR A 157 -15.69 -4.66 -4.07
N GLN A 158 -15.97 -5.96 -3.85
CA GLN A 158 -17.15 -6.40 -3.14
C GLN A 158 -16.87 -7.81 -2.69
N ASN A 159 -17.33 -8.16 -1.49
CA ASN A 159 -17.31 -9.55 -1.00
C ASN A 159 -15.89 -10.14 -1.00
N GLU A 160 -15.71 -11.41 -1.32
CA GLU A 160 -14.38 -12.04 -1.21
C GLU A 160 -13.35 -11.44 -2.18
N SER A 161 -13.76 -11.19 -3.43
CA SER A 161 -12.94 -10.49 -4.40
C SER A 161 -12.46 -9.19 -3.83
N GLY A 162 -13.37 -8.43 -3.26
CA GLY A 162 -12.99 -7.14 -2.68
C GLY A 162 -12.06 -7.26 -1.48
N ALA A 163 -12.26 -8.31 -0.68
CA ALA A 163 -11.37 -8.59 0.48
C ALA A 163 -9.95 -8.99 0.01
N ILE A 164 -9.85 -9.75 -1.08
CA ILE A 164 -8.52 -10.03 -1.74
C ILE A 164 -7.92 -8.73 -2.26
N ASN A 165 -8.76 -7.91 -2.89
CA ASN A 165 -8.30 -6.59 -3.37
C ASN A 165 -7.66 -5.76 -2.22
N GLU A 166 -8.38 -5.70 -1.08
CA GLU A 166 -7.89 -5.00 0.12
C GLU A 166 -6.62 -5.70 0.63
N ALA A 167 -6.62 -7.02 0.74
CA ALA A 167 -5.42 -7.72 1.27
C ALA A 167 -4.17 -7.50 0.40
N ILE A 168 -4.37 -7.57 -0.91
CA ILE A 168 -3.27 -7.31 -1.84
C ILE A 168 -2.68 -5.90 -1.53
N SER A 169 -3.54 -4.90 -1.30
CA SER A 169 -3.00 -3.55 -1.05
C SER A 169 -2.30 -3.50 0.31
N ASP A 170 -2.82 -4.26 1.28
CA ASP A 170 -2.15 -4.31 2.62
C ASP A 170 -0.82 -5.04 2.52
N ILE A 171 -0.79 -6.12 1.72
CA ILE A 171 0.43 -6.93 1.53
C ILE A 171 1.53 -6.11 0.87
N PHE A 172 1.23 -5.51 -0.30
CA PHE A 172 2.23 -4.71 -0.94
C PHE A 172 2.51 -3.38 -0.24
N GLY A 173 1.49 -2.80 0.44
CA GLY A 173 1.83 -1.66 1.27
C GLY A 173 2.90 -2.02 2.32
N THR A 174 2.74 -3.19 2.95
CA THR A 174 3.63 -3.60 3.99
C THR A 174 5.00 -3.89 3.39
N LEU A 175 5.04 -4.54 2.24
CA LEU A 175 6.32 -4.88 1.61
C LEU A 175 7.09 -3.64 1.15
N VAL A 176 6.37 -2.60 0.71
CA VAL A 176 7.02 -1.32 0.42
C VAL A 176 7.55 -0.73 1.75
N GLU A 177 6.77 -0.84 2.82
CA GLU A 177 7.24 -0.34 4.11
C GLU A 177 8.55 -1.06 4.49
N PHE A 178 8.60 -2.39 4.32
CA PHE A 178 9.83 -3.10 4.62
C PHE A 178 10.99 -2.72 3.64
N TYR A 179 10.64 -2.56 2.34
CA TYR A 179 11.61 -2.18 1.36
C TYR A 179 12.29 -0.86 1.77
N ALA A 180 11.48 0.11 2.25
CA ALA A 180 11.99 1.43 2.63
C ALA A 180 12.91 1.26 3.84
N ASN A 181 12.53 0.33 4.73
CA ASN A 181 13.44 -0.11 5.77
C ASN A 181 13.71 0.93 6.86
N LYS A 182 12.75 1.81 7.13
CA LYS A 182 12.91 2.71 8.26
C LYS A 182 12.27 2.19 9.56
N ASN A 183 10.94 2.00 9.53
CA ASN A 183 10.25 1.49 10.71
C ASN A 183 9.10 0.51 10.36
N PRO A 184 9.45 -0.63 9.75
CA PRO A 184 8.45 -1.51 9.20
C PRO A 184 7.88 -2.46 10.23
N ASP A 185 6.66 -2.90 9.98
CA ASP A 185 5.95 -3.82 10.87
C ASP A 185 4.85 -4.44 9.94
N TRP A 186 4.01 -5.29 10.54
CA TRP A 186 2.87 -5.89 9.88
C TRP A 186 1.53 -5.27 10.29
N GLU A 187 1.57 -3.99 10.69
CA GLU A 187 0.37 -3.19 10.99
C GLU A 187 0.11 -2.22 9.85
N ILE A 188 -1.15 -1.81 9.69
CA ILE A 188 -1.51 -0.84 8.68
C ILE A 188 -1.88 0.56 9.27
N GLY A 189 -1.11 1.57 8.88
CA GLY A 189 -1.49 2.96 9.18
C GLY A 189 -1.06 3.40 10.58
N GLU A 190 -0.21 2.60 11.22
CA GLU A 190 0.34 2.94 12.57
C GLU A 190 0.93 4.32 12.64
N ASP A 191 1.49 4.84 11.56
CA ASP A 191 2.21 6.12 11.69
C ASP A 191 1.26 7.27 11.68
N VAL A 192 0.06 7.08 11.14
CA VAL A 192 -0.85 8.25 11.00
C VAL A 192 -2.12 8.12 11.80
N TYR A 193 -2.42 6.92 12.30
CA TYR A 193 -3.68 6.71 13.00
C TYR A 193 -3.60 7.21 14.46
N THR A 194 -4.62 7.91 14.92
CA THR A 194 -4.76 8.29 16.34
C THR A 194 -3.46 8.77 17.00
N PRO A 195 -2.98 10.02 16.73
CA PRO A 195 -1.71 10.54 17.34
C PRO A 195 -1.70 10.55 18.90
N GLY A 196 -2.86 10.60 19.54
CA GLY A 196 -2.88 10.51 21.01
C GLY A 196 -2.57 9.13 21.62
N ILE A 197 -2.69 8.07 20.82
CA ILE A 197 -2.67 6.67 21.31
C ILE A 197 -1.50 5.94 20.66
N SER A 198 -0.50 5.54 21.45
CA SER A 198 0.62 4.89 20.85
C SER A 198 0.36 3.40 20.76
N GLY A 199 1.05 2.71 19.85
CA GLY A 199 0.93 1.25 19.72
C GLY A 199 -0.30 0.66 19.04
N ASP A 200 -1.14 1.49 18.40
CA ASP A 200 -2.32 0.93 17.73
C ASP A 200 -2.17 1.14 16.25
N SER A 201 -3.18 0.74 15.47
CA SER A 201 -3.17 0.95 13.98
C SER A 201 -4.56 0.66 13.45
N LEU A 202 -4.76 0.75 12.13
CA LEU A 202 -6.09 0.43 11.57
C LEU A 202 -6.39 -1.07 11.54
N ARG A 203 -5.35 -1.86 11.25
CA ARG A 203 -5.47 -3.30 11.27
C ARG A 203 -4.11 -3.94 11.43
N SER A 204 -4.14 -5.22 11.82
CA SER A 204 -2.90 -5.94 12.05
C SER A 204 -2.96 -7.14 11.11
N MET A 205 -1.89 -7.37 10.34
CA MET A 205 -1.78 -8.60 9.55
C MET A 205 -1.34 -9.78 10.43
N SER A 206 -0.46 -9.55 11.40
CA SER A 206 0.01 -10.64 12.26
C SER A 206 -1.05 -11.18 13.23
N ASP A 207 -1.98 -10.33 13.64
CA ASP A 207 -3.04 -10.72 14.56
C ASP A 207 -4.29 -9.85 14.27
N PRO A 208 -5.02 -10.21 13.20
CA PRO A 208 -6.20 -9.39 12.84
C PRO A 208 -7.24 -9.22 13.98
N ALA A 209 -7.34 -10.25 14.83
CA ALA A 209 -8.29 -10.21 15.92
C ALA A 209 -7.95 -9.09 16.91
N LYS A 210 -6.70 -8.62 16.97
CA LYS A 210 -6.40 -7.48 17.83
C LYS A 210 -7.34 -6.27 17.55
N TYR A 211 -7.80 -6.10 16.30
CA TYR A 211 -8.72 -4.99 16.00
C TYR A 211 -10.06 -5.55 15.57
N GLY A 212 -10.32 -6.81 15.92
CA GLY A 212 -11.67 -7.32 15.70
C GLY A 212 -11.93 -7.89 14.32
N ASP A 213 -10.87 -8.03 13.49
CA ASP A 213 -11.01 -8.69 12.19
C ASP A 213 -10.82 -10.20 12.24
N PRO A 214 -11.48 -10.92 11.32
CA PRO A 214 -11.42 -12.38 11.30
C PRO A 214 -10.03 -12.85 10.93
N ASP A 215 -9.58 -13.96 11.55
CA ASP A 215 -8.31 -14.54 11.18
C ASP A 215 -8.52 -15.98 10.72
N HIS A 216 -9.75 -16.32 10.32
CA HIS A 216 -10.08 -17.66 9.88
C HIS A 216 -11.35 -17.58 9.07
N TYR A 217 -11.41 -18.37 8.01
CA TYR A 217 -12.55 -18.35 7.12
C TYR A 217 -13.89 -18.60 7.82
N SER A 218 -13.92 -19.44 8.86
CA SER A 218 -15.15 -19.72 9.65
C SER A 218 -15.68 -18.43 10.37
N LYS A 219 -14.83 -17.42 10.42
CA LYS A 219 -15.24 -16.17 11.01
C LYS A 219 -15.51 -15.07 9.98
N ARG A 220 -15.68 -15.41 8.71
CA ARG A 220 -15.89 -14.37 7.73
C ARG A 220 -17.15 -13.56 8.01
N TYR A 221 -17.09 -12.28 7.65
CA TYR A 221 -18.19 -11.36 7.82
C TYR A 221 -19.03 -11.53 6.59
N THR A 222 -20.34 -11.69 6.78
CA THR A 222 -21.23 -11.90 5.64
C THR A 222 -22.28 -10.79 5.52
N GLY A 223 -22.16 -9.68 6.23
CA GLY A 223 -23.11 -8.58 6.08
C GLY A 223 -22.86 -7.68 4.86
N THR A 224 -23.65 -6.63 4.66
CA THR A 224 -23.54 -5.87 3.42
C THR A 224 -22.75 -4.59 3.59
N GLN A 225 -22.44 -4.21 4.82
CA GLN A 225 -21.69 -2.99 5.00
C GLN A 225 -20.18 -3.13 4.57
N ASP A 226 -19.53 -1.97 4.31
CA ASP A 226 -18.14 -1.96 3.85
C ASP A 226 -18.03 -2.87 2.61
N ASN A 227 -18.99 -2.75 1.71
CA ASN A 227 -18.99 -3.53 0.47
C ASN A 227 -18.86 -5.04 0.70
N GLY A 228 -19.52 -5.52 1.75
CA GLY A 228 -19.55 -6.94 2.04
C GLY A 228 -18.34 -7.22 2.96
N GLY A 229 -17.89 -6.25 3.74
CA GLY A 229 -16.76 -6.47 4.67
C GLY A 229 -15.36 -6.48 4.06
N VAL A 230 -15.13 -5.69 3.02
CA VAL A 230 -13.82 -5.83 2.36
C VAL A 230 -12.61 -5.48 3.26
N HIS A 231 -12.75 -4.52 4.19
CA HIS A 231 -11.65 -4.13 5.11
C HIS A 231 -11.62 -5.03 6.36
N ILE A 232 -12.60 -5.93 6.44
CA ILE A 232 -12.78 -6.87 7.58
C ILE A 232 -12.28 -8.24 7.17
N ASN A 233 -12.84 -8.83 6.11
CA ASN A 233 -12.40 -10.11 5.61
C ASN A 233 -10.98 -10.12 5.03
N SER A 234 -10.40 -8.96 4.76
CA SER A 234 -9.03 -8.90 4.33
C SER A 234 -8.11 -9.57 5.41
N GLY A 235 -8.56 -9.58 6.67
CA GLY A 235 -7.78 -10.14 7.77
C GLY A 235 -7.45 -11.60 7.54
N ILE A 236 -8.36 -12.32 6.88
CA ILE A 236 -8.14 -13.74 6.62
C ILE A 236 -6.94 -13.94 5.70
N ILE A 237 -6.87 -13.10 4.66
CA ILE A 237 -5.81 -13.26 3.69
C ILE A 237 -4.55 -12.61 4.21
N ASN A 238 -4.68 -11.50 4.94
CA ASN A 238 -3.50 -10.87 5.57
C ASN A 238 -2.75 -11.83 6.48
N LYS A 239 -3.51 -12.50 7.34
CA LYS A 239 -2.95 -13.45 8.28
C LYS A 239 -2.26 -14.57 7.48
N ALA A 240 -2.90 -15.05 6.42
CA ALA A 240 -2.25 -16.09 5.55
C ALA A 240 -0.93 -15.63 4.96
N ALA A 241 -0.87 -14.39 4.48
CA ALA A 241 0.38 -13.83 3.88
C ALA A 241 1.45 -13.66 4.95
N TYR A 242 1.01 -13.17 6.11
CA TYR A 242 1.90 -13.08 7.29
C TYR A 242 2.53 -14.42 7.69
N LEU A 243 1.72 -15.47 7.71
CA LEU A 243 2.21 -16.80 8.01
C LEU A 243 3.16 -17.34 6.92
N ILE A 244 2.82 -17.12 5.63
CA ILE A 244 3.73 -17.52 4.56
C ILE A 244 5.14 -16.89 4.77
N SER A 245 5.18 -15.64 5.21
CA SER A 245 6.48 -14.95 5.38
C SER A 245 7.21 -15.33 6.67
N GLN A 246 6.52 -15.15 7.80
CA GLN A 246 7.13 -15.24 9.12
C GLN A 246 6.93 -16.63 9.77
N GLY A 247 6.00 -17.42 9.23
CA GLY A 247 5.60 -18.68 9.83
C GLY A 247 4.91 -18.53 11.17
N GLY A 248 4.67 -19.68 11.83
CA GLY A 248 3.98 -19.69 13.12
C GLY A 248 3.00 -20.89 13.16
N THR A 249 2.30 -21.03 14.28
CA THR A 249 1.30 -22.05 14.46
C THR A 249 -0.03 -21.35 14.76
N HIS A 250 -1.02 -21.52 13.89
CA HIS A 250 -2.25 -20.71 13.91
C HIS A 250 -3.39 -21.72 13.82
N TYR A 251 -4.29 -21.67 14.82
CA TYR A 251 -5.29 -22.67 15.06
C TYR A 251 -4.70 -24.05 14.95
N GLY A 252 -3.54 -24.20 15.59
CA GLY A 252 -2.88 -25.51 15.61
C GLY A 252 -2.28 -26.00 14.32
N VAL A 253 -2.21 -25.12 13.29
CA VAL A 253 -1.58 -25.51 12.03
C VAL A 253 -0.19 -24.86 11.93
N SER A 254 0.86 -25.66 11.78
CA SER A 254 2.24 -25.15 11.67
C SER A 254 2.58 -24.70 10.27
N VAL A 255 3.10 -23.49 10.15
CA VAL A 255 3.50 -22.97 8.86
C VAL A 255 4.98 -22.62 8.97
N VAL A 256 5.80 -23.15 8.07
CA VAL A 256 7.24 -22.79 8.01
C VAL A 256 7.36 -21.47 7.16
N GLY A 257 7.84 -20.38 7.75
CA GLY A 257 7.88 -19.08 7.03
C GLY A 257 8.98 -19.11 5.99
N ILE A 258 8.76 -18.45 4.86
CA ILE A 258 9.74 -18.44 3.77
C ILE A 258 10.28 -17.03 3.52
N GLY A 259 9.85 -16.07 4.34
CA GLY A 259 10.41 -14.72 4.21
C GLY A 259 9.63 -13.81 3.26
N ARG A 260 9.92 -12.50 3.32
CA ARG A 260 9.11 -11.46 2.67
C ARG A 260 9.27 -11.43 1.16
N ASP A 261 10.51 -11.64 0.68
CA ASP A 261 10.73 -11.48 -0.76
C ASP A 261 9.97 -12.55 -1.51
N LYS A 262 10.05 -13.79 -1.02
CA LYS A 262 9.28 -14.88 -1.65
C LYS A 262 7.74 -14.67 -1.50
N LEU A 263 7.26 -14.15 -0.35
CA LEU A 263 5.83 -13.76 -0.24
C LEU A 263 5.46 -12.81 -1.39
N GLY A 264 6.29 -11.80 -1.61
CA GLY A 264 6.05 -10.81 -2.66
C GLY A 264 6.03 -11.42 -4.05
N LYS A 265 7.02 -12.29 -4.32
CA LYS A 265 7.14 -12.90 -5.66
C LYS A 265 5.89 -13.71 -5.96
N ILE A 266 5.47 -14.46 -4.96
CA ILE A 266 4.30 -15.33 -5.12
C ILE A 266 3.02 -14.53 -5.30
N PHE A 267 2.80 -13.52 -4.47
CA PHE A 267 1.53 -12.78 -4.56
C PHE A 267 1.48 -11.87 -5.79
N TYR A 268 2.62 -11.27 -6.17
CA TYR A 268 2.69 -10.50 -7.42
C TYR A 268 2.34 -11.36 -8.67
N ARG A 269 2.90 -12.57 -8.73
CA ARG A 269 2.65 -13.47 -9.85
C ARG A 269 1.17 -13.91 -9.85
N ALA A 270 0.64 -14.22 -8.66
CA ALA A 270 -0.79 -14.53 -8.56
C ALA A 270 -1.64 -13.38 -9.09
N LEU A 271 -1.31 -12.16 -8.66
CA LEU A 271 -2.03 -10.96 -9.06
C LEU A 271 -1.99 -10.72 -10.58
N THR A 272 -0.82 -10.90 -11.20
CA THR A 272 -0.65 -10.49 -12.56
C THR A 272 -0.91 -11.63 -13.55
N GLN A 273 -0.88 -12.87 -13.09
CA GLN A 273 -1.02 -14.01 -14.02
C GLN A 273 -2.28 -14.86 -13.77
N TYR A 274 -2.77 -14.90 -12.54
CA TYR A 274 -3.84 -15.86 -12.24
C TYR A 274 -5.16 -15.34 -11.71
N LEU A 275 -5.16 -14.23 -10.98
CA LEU A 275 -6.42 -13.68 -10.47
C LEU A 275 -7.24 -13.04 -11.58
N THR A 276 -8.56 -13.12 -11.45
CA THR A 276 -9.50 -12.55 -12.39
C THR A 276 -10.46 -11.63 -11.57
N PRO A 277 -11.36 -10.89 -12.25
CA PRO A 277 -12.17 -9.95 -11.43
C PRO A 277 -12.95 -10.57 -10.32
N THR A 278 -13.42 -11.82 -10.49
CA THR A 278 -14.25 -12.40 -9.45
C THR A 278 -13.55 -13.52 -8.69
N SER A 279 -12.20 -13.59 -8.72
CA SER A 279 -11.51 -14.60 -7.84
C SER A 279 -12.01 -14.57 -6.36
N ASN A 280 -12.35 -15.75 -5.80
CA ASN A 280 -12.68 -15.81 -4.38
C ASN A 280 -11.48 -16.38 -3.57
N PHE A 281 -11.62 -16.56 -2.26
CA PHE A 281 -10.48 -16.99 -1.40
C PHE A 281 -9.88 -18.32 -1.84
N SER A 282 -10.77 -19.25 -2.19
CA SER A 282 -10.34 -20.53 -2.62
C SER A 282 -9.56 -20.46 -3.95
N GLN A 283 -9.99 -19.58 -4.86
CA GLN A 283 -9.29 -19.41 -6.10
C GLN A 283 -7.95 -18.68 -5.88
N LEU A 284 -7.90 -17.77 -4.89
CA LEU A 284 -6.64 -17.15 -4.53
C LEU A 284 -5.64 -18.18 -4.06
N ARG A 285 -6.08 -19.10 -3.18
CA ARG A 285 -5.17 -20.17 -2.71
C ARG A 285 -4.65 -20.92 -3.96
N ALA A 286 -5.55 -21.31 -4.87
CA ALA A 286 -5.10 -22.02 -6.09
C ALA A 286 -4.09 -21.16 -6.89
N ALA A 287 -4.39 -19.88 -7.00
CA ALA A 287 -3.49 -18.98 -7.73
C ALA A 287 -2.12 -18.90 -7.06
N ALA A 288 -2.11 -18.82 -5.72
CA ALA A 288 -0.84 -18.70 -4.99
C ALA A 288 -0.03 -20.01 -5.07
N VAL A 289 -0.72 -21.15 -5.06
CA VAL A 289 -0.08 -22.46 -5.12
C VAL A 289 0.57 -22.62 -6.52
N GLN A 290 -0.20 -22.32 -7.56
CA GLN A 290 0.33 -22.32 -8.92
C GLN A 290 1.50 -21.34 -9.10
N SER A 291 1.42 -20.15 -8.53
CA SER A 291 2.53 -19.18 -8.62
C SER A 291 3.79 -19.72 -7.98
N ALA A 292 3.64 -20.24 -6.75
CA ALA A 292 4.81 -20.80 -6.05
C ALA A 292 5.34 -21.97 -6.86
N THR A 293 4.44 -22.77 -7.45
CA THR A 293 4.88 -23.90 -8.29
C THR A 293 5.71 -23.38 -9.46
N ASP A 294 5.21 -22.35 -10.15
CA ASP A 294 5.93 -21.77 -11.29
C ASP A 294 7.33 -21.36 -10.88
N LEU A 295 7.44 -20.74 -9.73
CA LEU A 295 8.70 -20.13 -9.32
C LEU A 295 9.66 -21.09 -8.60
N TYR A 296 9.13 -22.01 -7.82
CA TYR A 296 9.99 -22.78 -6.93
C TYR A 296 9.88 -24.26 -7.15
N GLY A 297 8.87 -24.71 -7.90
CA GLY A 297 8.74 -26.16 -8.18
C GLY A 297 7.68 -26.77 -7.29
N SER A 298 6.95 -27.77 -7.81
CA SER A 298 5.81 -28.36 -7.07
C SER A 298 6.20 -29.10 -5.79
N THR A 299 7.46 -29.53 -5.68
CA THR A 299 7.83 -30.25 -4.45
C THR A 299 8.53 -29.29 -3.45
N SER A 300 8.62 -28.00 -3.78
CA SER A 300 9.38 -27.01 -2.96
C SER A 300 8.77 -26.74 -1.59
N GLN A 301 9.62 -26.31 -0.66
CA GLN A 301 9.17 -25.82 0.64
C GLN A 301 8.16 -24.64 0.45
N GLU A 302 8.38 -23.86 -0.61
CA GLU A 302 7.58 -22.64 -0.78
C GLU A 302 6.11 -23.00 -1.03
N VAL A 303 5.91 -23.98 -1.90
CA VAL A 303 4.61 -24.47 -2.23
C VAL A 303 3.97 -25.09 -0.99
N ALA A 304 4.74 -25.89 -0.22
CA ALA A 304 4.21 -26.45 1.03
C ALA A 304 3.80 -25.42 2.07
N SER A 305 4.56 -24.33 2.21
CA SER A 305 4.16 -23.29 3.13
C SER A 305 2.89 -22.52 2.70
N VAL A 306 2.74 -22.26 1.40
CA VAL A 306 1.53 -21.62 0.90
C VAL A 306 0.30 -22.46 1.30
N LYS A 307 0.34 -23.76 1.04
CA LYS A 307 -0.70 -24.73 1.44
C LYS A 307 -0.97 -24.69 2.95
N GLN A 308 0.13 -24.68 3.74
CA GLN A 308 -0.04 -24.67 5.20
C GLN A 308 -0.73 -23.39 5.70
N ALA A 309 -0.36 -22.26 5.11
CA ALA A 309 -0.87 -20.97 5.53
C ALA A 309 -2.33 -20.87 5.21
N PHE A 310 -2.68 -21.29 3.99
CA PHE A 310 -4.12 -21.34 3.64
C PHE A 310 -4.91 -22.31 4.50
N ASP A 311 -4.38 -23.51 4.78
CA ASP A 311 -5.06 -24.46 5.72
C ASP A 311 -5.27 -23.81 7.08
N ALA A 312 -4.22 -23.16 7.60
CA ALA A 312 -4.30 -22.49 8.88
C ALA A 312 -5.46 -21.48 8.97
N VAL A 313 -5.77 -20.78 7.87
CA VAL A 313 -6.86 -19.79 7.94
C VAL A 313 -8.15 -20.35 7.39
N GLY A 314 -8.19 -21.68 7.20
CA GLY A 314 -9.40 -22.38 6.83
C GLY A 314 -9.87 -22.16 5.39
N VAL A 315 -8.93 -21.85 4.50
CA VAL A 315 -9.28 -21.66 3.09
C VAL A 315 -8.78 -22.86 2.31
N LYS A 316 -9.71 -23.66 1.81
CA LYS A 316 -9.32 -24.90 1.16
C LYS A 316 -9.37 -24.68 -0.36
CA CA B . 2.80 -0.43 8.76
CA CA C . 5.62 1.04 10.36
CA CA D . 10.68 26.53 1.31
CA CA E . -1.98 5.88 17.18
ZN ZN F . -7.81 -0.20 0.12
ZN ZN G . -2.80 -17.45 15.53
CL CL H . 8.92 11.97 8.39
CL CL I . -8.96 1.48 0.82
CL CL J . -3.84 -26.83 -2.55
NA NA K . -11.49 -3.07 13.33
N SAR L . 4.25 28.03 -15.15
CA SAR L . 2.97 28.08 -14.45
C SAR L . 2.52 26.78 -13.79
O SAR L . 1.34 26.47 -13.74
CN SAR L . 5.37 28.93 -14.90
OXT SAR L . 3.27 25.97 -13.28
N SAR M . 17.05 11.29 -4.20
CA SAR M . 15.70 11.48 -3.65
C SAR M . 14.75 10.32 -3.93
O SAR M . 13.49 10.41 -3.90
CN SAR M . 18.15 12.14 -3.78
OXT SAR M . 15.26 9.21 -4.20
N SAR N . 6.21 -16.70 -19.53
CA SAR N . 6.43 -15.41 -18.84
C SAR N . 6.17 -15.39 -17.33
O SAR N . 5.44 -16.22 -16.79
CN SAR N . 6.73 -16.83 -20.89
OXT SAR N . 6.70 -14.54 -16.62
S DMS O . -0.26 28.49 4.35
O DMS O . -1.81 27.82 4.97
C1 DMS O . 1.18 28.09 5.42
C2 DMS O . 0.22 27.82 2.73
S DMS P . -7.62 0.11 -17.51
O DMS P . -8.11 0.52 -15.83
C1 DMS P . -7.66 -1.71 -17.75
C2 DMS P . -8.89 0.87 -18.59
#